data_1OF0
#
_entry.id   1OF0
#
_cell.length_a   102.278
_cell.length_b   102.278
_cell.length_c   136.247
_cell.angle_alpha   90.00
_cell.angle_beta   90.00
_cell.angle_gamma   120.00
#
_symmetry.space_group_name_H-M   'P 31 2 1'
#
loop_
_entity.id
_entity.type
_entity.pdbx_description
1 polymer 'SPORE COAT PROTEIN A'
2 non-polymer 'COPPER (I) ION'
3 non-polymer 'CU-O LINKAGE'
4 non-polymer 'OXYGEN MOLECULE'
5 non-polymer GLYCEROL
6 non-polymer 3-ETHYL-2-[(2Z)-2-(3-ETHYL-6-SULFO-1,3-BENZOTHIAZOL-2(3H)-YLIDENE)HYDRAZINO]-6-SULFO-3H-1,3-BENZOTHIAZOL-1-IUM
7 water water
#
_entity_poly.entity_id   1
_entity_poly.type   'polypeptide(L)'
_entity_poly.pdbx_seq_one_letter_code
;MTLEKFVDALPIPDTLKPVQQSKEKTYYEVTMEECTHQLHRDLPPTRLWGYNGLFPGPTIEVKRNENVYVKWMNNLPSTH
FLPIDHTIHHSDSQHEEPEVKTVVHLHGGVTPDDSDGYPEAWFSKDFEQTGPYFKREVYHYPNQQRGAILWYHDHAMALT
RLNVYAGLVGAYIIHDPKEKRLKLPSDEYDVPLLITDRTINEDGSLFYPSAPENPSPSLPNPSIVPAFCGETILVNGKVW
PYLEVEPRKYRFRVINASNTRTYNLSLDNGGDFIQIGSDGGLLPRSVKLNSFSLAPAERYDIIIDFTAYEGESIILANSA
GCGGDVNPETDANIMQFRVTKPLAQKDESRKPKYLASYPSVQHERIQNIRTLKLAGTQDEYGRPVLLLNNKRWHDPVTET
PKVGTTEIWSIINPTRGTHPIHLHLVSFRVLDRRPFDIARYQESGELSYTGPAVPPPPSEKGWKDTIQAHAGEVLRIAAT
FGPYSGRYVWHCHILEHEDYDMMRPMDITDPHK
;
_entity_poly.pdbx_strand_id   A
#
loop_
_chem_comp.id
_chem_comp.type
_chem_comp.name
_chem_comp.formula
C1O non-polymer 'CU-O LINKAGE' 'Cu O'
CU1 non-polymer 'COPPER (I) ION' 'Cu 1'
EBS non-polymer 3-ETHYL-2-[(2Z)-2-(3-ETHYL-6-SULFO-1,3-BENZOTHIAZOL-2(3H)-YLIDENE)HYDRAZINO]-6-SULFO-3H-1,3-BENZOTHIAZOL-1-IUM 'C18 H18 N4 O6 S4'
GOL non-polymer GLYCEROL 'C3 H8 O3'
OXY non-polymer 'OXYGEN MOLECULE' O2
#
# COMPACT_ATOMS: atom_id res chain seq x y z
N THR A 2 -7.37 -2.42 -27.12
CA THR A 2 -7.46 -1.88 -25.73
C THR A 2 -8.90 -1.50 -25.38
N LEU A 3 -9.31 -1.86 -24.17
CA LEU A 3 -10.67 -1.59 -23.69
C LEU A 3 -11.02 -0.11 -23.76
N GLU A 4 -12.28 0.16 -24.05
CA GLU A 4 -12.78 1.53 -24.13
C GLU A 4 -12.78 2.12 -22.72
N LYS A 5 -12.22 3.31 -22.58
CA LYS A 5 -12.14 3.97 -21.29
C LYS A 5 -13.43 4.65 -20.86
N PHE A 6 -13.70 4.62 -19.57
CA PHE A 6 -14.84 5.30 -18.96
C PHE A 6 -16.25 4.84 -19.37
N VAL A 7 -16.49 3.54 -19.32
CA VAL A 7 -17.82 3.03 -19.67
C VAL A 7 -18.50 2.32 -18.50
N ASP A 8 -17.73 2.01 -17.46
CA ASP A 8 -18.27 1.35 -16.27
C ASP A 8 -18.24 2.32 -15.11
N ALA A 9 -19.30 2.35 -14.31
CA ALA A 9 -19.34 3.24 -13.14
C ALA A 9 -18.41 2.69 -12.05
N LEU A 10 -17.86 3.59 -11.23
CA LEU A 10 -16.95 3.21 -10.15
C LEU A 10 -17.65 2.44 -9.03
N PRO A 11 -17.18 1.22 -8.74
CA PRO A 11 -17.83 0.47 -7.66
C PRO A 11 -17.42 1.09 -6.33
N ILE A 12 -18.34 1.12 -5.36
CA ILE A 12 -18.03 1.66 -4.05
C ILE A 12 -18.21 0.46 -3.13
N PRO A 13 -17.10 -0.19 -2.73
CA PRO A 13 -17.18 -1.36 -1.85
C PRO A 13 -18.09 -1.15 -0.65
N ASP A 14 -18.94 -2.13 -0.36
CA ASP A 14 -19.83 -2.04 0.79
C ASP A 14 -19.01 -2.08 2.05
N THR A 15 -19.54 -1.52 3.12
CA THR A 15 -18.85 -1.52 4.39
C THR A 15 -19.24 -2.83 5.07
N LEU A 16 -18.24 -3.56 5.52
CA LEU A 16 -18.45 -4.84 6.17
C LEU A 16 -19.27 -4.72 7.44
N LYS A 17 -20.27 -5.59 7.59
CA LYS A 17 -21.10 -5.60 8.78
C LYS A 17 -20.58 -6.68 9.73
N PRO A 18 -20.50 -6.36 11.03
CA PRO A 18 -20.03 -7.25 12.09
C PRO A 18 -20.88 -8.50 12.32
N VAL A 19 -20.21 -9.60 12.71
CA VAL A 19 -20.91 -10.83 13.01
C VAL A 19 -21.53 -10.63 14.39
N GLN A 20 -20.79 -9.93 15.24
CA GLN A 20 -21.23 -9.62 16.59
C GLN A 20 -20.57 -8.33 17.05
N GLN A 21 -21.34 -7.48 17.71
CA GLN A 21 -20.81 -6.21 18.17
C GLN A 21 -21.44 -5.78 19.48
N SER A 22 -20.62 -5.22 20.35
CA SER A 22 -21.09 -4.74 21.65
C SER A 22 -20.27 -3.50 21.97
N LYS A 23 -20.54 -2.89 23.12
CA LYS A 23 -19.81 -1.69 23.52
C LYS A 23 -18.36 -2.06 23.85
N GLU A 24 -18.14 -3.33 24.18
CA GLU A 24 -16.81 -3.80 24.55
C GLU A 24 -16.04 -4.47 23.42
N LYS A 25 -16.75 -4.93 22.40
CA LYS A 25 -16.06 -5.64 21.32
C LYS A 25 -16.81 -5.74 20.00
N THR A 26 -16.04 -5.76 18.92
CA THR A 26 -16.59 -5.90 17.56
C THR A 26 -15.91 -7.11 16.91
N TYR A 27 -16.72 -8.07 16.45
CA TYR A 27 -16.19 -9.29 15.85
C TYR A 27 -16.58 -9.45 14.38
N TYR A 28 -15.57 -9.56 13.52
CA TYR A 28 -15.78 -9.72 12.09
C TYR A 28 -15.22 -11.05 11.59
N GLU A 29 -15.77 -11.53 10.49
CA GLU A 29 -15.31 -12.77 9.87
C GLU A 29 -15.18 -12.50 8.38
N VAL A 30 -14.00 -12.76 7.83
CA VAL A 30 -13.75 -12.55 6.42
C VAL A 30 -13.15 -13.83 5.83
N THR A 31 -13.75 -14.31 4.74
CA THR A 31 -13.31 -15.53 4.11
C THR A 31 -12.75 -15.30 2.71
N MET A 32 -11.53 -15.77 2.48
CA MET A 32 -10.89 -15.65 1.17
C MET A 32 -11.53 -16.68 0.25
N GLU A 33 -12.01 -16.25 -0.92
CA GLU A 33 -12.64 -17.19 -1.83
C GLU A 33 -12.37 -16.91 -3.30
N GLU A 34 -12.33 -17.97 -4.10
CA GLU A 34 -12.11 -17.80 -5.52
C GLU A 34 -13.48 -17.36 -6.04
N CYS A 35 -13.49 -16.36 -6.90
CA CYS A 35 -14.73 -15.84 -7.42
C CYS A 35 -14.54 -15.27 -8.81
N THR A 36 -15.64 -14.96 -9.48
CA THR A 36 -15.58 -14.39 -10.81
C THR A 36 -16.22 -13.01 -10.80
N HIS A 37 -15.62 -12.07 -11.52
CA HIS A 37 -16.13 -10.71 -11.59
C HIS A 37 -15.80 -10.08 -12.93
N GLN A 38 -16.70 -9.24 -13.42
CA GLN A 38 -16.45 -8.57 -14.68
C GLN A 38 -15.68 -7.30 -14.33
N LEU A 39 -14.50 -7.14 -14.92
CA LEU A 39 -13.68 -5.98 -14.64
C LEU A 39 -13.91 -4.87 -15.65
N HIS A 40 -14.65 -5.19 -16.72
CA HIS A 40 -14.95 -4.22 -17.78
C HIS A 40 -16.17 -4.63 -18.61
N ARG A 41 -16.91 -3.64 -19.11
CA ARG A 41 -18.10 -3.88 -19.92
C ARG A 41 -17.90 -4.85 -21.08
N ASP A 42 -16.74 -4.81 -21.72
CA ASP A 42 -16.51 -5.69 -22.87
C ASP A 42 -15.63 -6.90 -22.61
N LEU A 43 -15.57 -7.34 -21.35
CA LEU A 43 -14.76 -8.50 -21.00
C LEU A 43 -15.59 -9.63 -20.43
N PRO A 44 -15.17 -10.88 -20.65
CA PRO A 44 -15.90 -12.02 -20.10
C PRO A 44 -15.56 -11.95 -18.61
N PRO A 45 -16.28 -12.65 -17.74
CA PRO A 45 -15.95 -12.58 -16.32
C PRO A 45 -14.52 -13.05 -16.05
N THR A 46 -13.91 -12.53 -14.98
CA THR A 46 -12.54 -12.88 -14.60
C THR A 46 -12.47 -13.68 -13.30
N ARG A 47 -11.63 -14.70 -13.28
CA ARG A 47 -11.47 -15.52 -12.08
C ARG A 47 -10.49 -14.82 -11.14
N LEU A 48 -10.95 -14.52 -9.93
CA LEU A 48 -10.15 -13.82 -8.94
C LEU A 48 -10.23 -14.46 -7.57
N TRP A 49 -9.42 -13.95 -6.65
CA TRP A 49 -9.41 -14.41 -5.27
C TRP A 49 -9.83 -13.17 -4.49
N GLY A 50 -10.84 -13.30 -3.64
CA GLY A 50 -11.27 -12.13 -2.90
C GLY A 50 -11.76 -12.32 -1.49
N TYR A 51 -11.51 -11.33 -0.64
CA TYR A 51 -11.98 -11.38 0.73
C TYR A 51 -13.49 -11.33 0.62
N ASN A 52 -14.14 -12.35 1.17
CA ASN A 52 -15.59 -12.53 1.11
C ASN A 52 -16.05 -12.61 -0.34
N GLY A 53 -15.13 -13.02 -1.21
CA GLY A 53 -15.43 -13.16 -2.63
C GLY A 53 -15.62 -11.84 -3.36
N LEU A 54 -15.06 -10.77 -2.81
CA LEU A 54 -15.19 -9.45 -3.41
C LEU A 54 -13.84 -8.85 -3.80
N PHE A 55 -13.80 -8.15 -4.92
CA PHE A 55 -12.58 -7.49 -5.35
C PHE A 55 -12.88 -6.04 -5.74
N PRO A 56 -12.42 -5.07 -4.94
CA PRO A 56 -11.62 -5.22 -3.72
C PRO A 56 -12.44 -5.86 -2.61
N GLY A 57 -11.81 -6.19 -1.50
CA GLY A 57 -12.53 -6.79 -0.39
C GLY A 57 -13.43 -5.72 0.21
N PRO A 58 -14.36 -6.09 1.11
CA PRO A 58 -15.23 -5.08 1.71
C PRO A 58 -14.46 -4.06 2.53
N THR A 59 -14.96 -2.85 2.58
CA THR A 59 -14.32 -1.80 3.35
C THR A 59 -14.72 -1.96 4.81
N ILE A 60 -13.72 -1.91 5.68
CA ILE A 60 -13.94 -2.05 7.11
C ILE A 60 -13.78 -0.68 7.79
N GLU A 61 -14.79 -0.29 8.55
CA GLU A 61 -14.78 0.99 9.25
C GLU A 61 -14.84 0.81 10.77
N VAL A 62 -13.88 1.41 11.45
CA VAL A 62 -13.80 1.31 12.90
C VAL A 62 -13.51 2.68 13.49
N LYS A 63 -13.72 2.80 14.80
CA LYS A 63 -13.44 4.06 15.50
C LYS A 63 -12.13 3.86 16.24
N ARG A 64 -11.47 4.96 16.55
CA ARG A 64 -10.24 4.88 17.29
C ARG A 64 -10.53 4.19 18.63
N ASN A 65 -9.64 3.30 19.06
CA ASN A 65 -9.79 2.55 20.31
C ASN A 65 -10.92 1.52 20.30
N GLU A 66 -11.54 1.30 19.14
CA GLU A 66 -12.60 0.30 19.09
C GLU A 66 -11.89 -1.04 19.25
N ASN A 67 -12.43 -1.91 20.09
CA ASN A 67 -11.84 -3.22 20.33
C ASN A 67 -12.31 -4.16 19.23
N VAL A 68 -11.50 -4.28 18.19
CA VAL A 68 -11.85 -5.11 17.04
C VAL A 68 -11.13 -6.44 16.87
N TYR A 69 -11.89 -7.44 16.40
CA TYR A 69 -11.38 -8.77 16.13
C TYR A 69 -11.83 -9.19 14.74
N VAL A 70 -10.91 -9.72 13.95
CA VAL A 70 -11.25 -10.20 12.62
C VAL A 70 -10.67 -11.60 12.43
N LYS A 71 -11.54 -12.55 12.09
CA LYS A 71 -11.08 -13.90 11.87
C LYS A 71 -10.90 -14.06 10.36
N TRP A 72 -9.66 -13.89 9.89
CA TRP A 72 -9.35 -14.04 8.47
C TRP A 72 -9.24 -15.54 8.16
N MET A 73 -10.09 -16.03 7.25
CA MET A 73 -10.09 -17.45 6.91
C MET A 73 -9.74 -17.72 5.45
N ASN A 74 -9.07 -18.84 5.24
CA ASN A 74 -8.64 -19.28 3.91
C ASN A 74 -9.59 -20.37 3.43
N ASN A 75 -10.33 -20.10 2.37
CA ASN A 75 -11.21 -21.11 1.83
C ASN A 75 -11.00 -21.13 0.33
N LEU A 76 -9.75 -20.97 -0.06
CA LEU A 76 -9.34 -20.95 -1.45
C LEU A 76 -9.01 -22.36 -1.94
N PRO A 77 -8.84 -22.52 -3.26
CA PRO A 77 -8.50 -23.83 -3.82
C PRO A 77 -7.16 -24.25 -3.24
N SER A 78 -6.78 -25.52 -3.40
CA SER A 78 -5.49 -25.97 -2.86
C SER A 78 -4.33 -25.65 -3.81
N THR A 79 -4.65 -25.30 -5.05
CA THR A 79 -3.62 -24.95 -6.02
C THR A 79 -3.83 -23.51 -6.49
N HIS A 80 -2.75 -22.80 -6.77
CA HIS A 80 -2.84 -21.42 -7.21
C HIS A 80 -3.20 -21.41 -8.69
N PHE A 81 -3.49 -20.24 -9.23
CA PHE A 81 -3.81 -20.16 -10.65
C PHE A 81 -2.82 -19.25 -11.35
N LEU A 82 -1.90 -18.67 -10.57
CA LEU A 82 -0.88 -17.79 -11.10
C LEU A 82 0.46 -18.53 -11.05
N PRO A 83 1.46 -18.09 -11.83
CA PRO A 83 2.78 -18.71 -11.88
C PRO A 83 3.58 -18.69 -10.58
N ILE A 84 3.83 -19.87 -10.01
CA ILE A 84 4.58 -19.96 -8.77
C ILE A 84 6.02 -20.41 -9.04
N ASP A 85 6.97 -19.63 -8.53
CA ASP A 85 8.40 -19.95 -8.68
C ASP A 85 8.82 -20.70 -7.41
N HIS A 86 9.09 -21.99 -7.55
CA HIS A 86 9.48 -22.80 -6.39
C HIS A 86 10.95 -22.68 -5.98
N THR A 87 11.72 -21.89 -6.73
CA THR A 87 13.14 -21.76 -6.43
C THR A 87 13.52 -20.60 -5.53
N ILE A 88 12.56 -19.72 -5.22
CA ILE A 88 12.88 -18.57 -4.38
C ILE A 88 12.78 -18.86 -2.88
N HIS A 89 12.25 -20.02 -2.52
CA HIS A 89 12.11 -20.37 -1.12
C HIS A 89 12.34 -21.88 -0.91
N GLU A 97 4.71 -28.63 3.04
CA GLU A 97 4.37 -27.21 2.67
C GLU A 97 3.26 -27.14 1.64
N PRO A 98 2.07 -26.67 2.05
CA PRO A 98 0.97 -26.57 1.09
C PRO A 98 1.32 -25.51 0.06
N GLU A 99 0.81 -25.66 -1.16
CA GLU A 99 1.09 -24.70 -2.21
C GLU A 99 0.50 -23.32 -1.91
N VAL A 100 -0.76 -23.29 -1.49
CA VAL A 100 -1.45 -22.04 -1.20
C VAL A 100 -1.41 -21.61 0.26
N LYS A 101 -0.59 -20.60 0.55
CA LYS A 101 -0.46 -20.09 1.92
C LYS A 101 -0.98 -18.66 1.96
N THR A 102 -1.63 -18.29 3.06
CA THR A 102 -2.17 -16.95 3.18
C THR A 102 -2.08 -16.42 4.61
N VAL A 103 -1.97 -15.10 4.73
CA VAL A 103 -1.94 -14.41 6.02
C VAL A 103 -2.32 -12.95 5.74
N VAL A 104 -3.26 -12.42 6.52
CA VAL A 104 -3.70 -11.04 6.30
C VAL A 104 -2.97 -10.00 7.14
N HIS A 105 -2.38 -9.01 6.47
CA HIS A 105 -1.67 -7.94 7.15
C HIS A 105 -2.42 -6.61 7.05
N LEU A 106 -2.72 -6.01 8.19
CA LEU A 106 -3.40 -4.73 8.23
C LEU A 106 -2.33 -3.67 8.15
N HIS A 107 -2.01 -3.24 6.93
CA HIS A 107 -0.99 -2.23 6.69
C HIS A 107 -1.31 -0.91 7.38
N GLY A 108 -0.37 -0.45 8.22
CA GLY A 108 -0.57 0.79 8.96
C GLY A 108 -1.16 0.55 10.35
N GLY A 109 -1.54 -0.69 10.63
CA GLY A 109 -2.14 -0.97 11.92
C GLY A 109 -1.13 -1.01 13.06
N VAL A 110 -1.50 -0.43 14.20
CA VAL A 110 -0.65 -0.46 15.39
C VAL A 110 -1.20 -1.73 16.02
N THR A 111 -0.56 -2.86 15.68
CA THR A 111 -1.03 -4.17 16.08
C THR A 111 -0.11 -5.07 16.87
N PRO A 112 -0.68 -5.90 17.77
CA PRO A 112 0.17 -6.81 18.55
C PRO A 112 0.84 -7.71 17.49
N ASP A 113 2.08 -8.10 17.73
CA ASP A 113 2.81 -8.88 16.75
C ASP A 113 2.16 -10.16 16.21
N ASP A 114 1.35 -10.85 16.99
CA ASP A 114 0.73 -12.06 16.48
C ASP A 114 -0.55 -11.80 15.69
N SER A 115 -0.88 -10.52 15.49
CA SER A 115 -2.05 -10.17 14.70
C SER A 115 -1.61 -9.27 13.54
N ASP A 116 -0.30 -9.12 13.38
CA ASP A 116 0.22 -8.26 12.32
C ASP A 116 0.38 -8.91 10.95
N GLY A 117 0.15 -10.22 10.88
CA GLY A 117 0.27 -10.90 9.61
C GLY A 117 1.70 -11.16 9.20
N TYR A 118 2.48 -11.72 10.12
CA TYR A 118 3.87 -12.06 9.86
C TYR A 118 3.89 -12.99 8.64
N PRO A 119 4.86 -12.80 7.72
CA PRO A 119 4.96 -13.64 6.52
C PRO A 119 5.00 -15.14 6.79
N GLU A 120 5.56 -15.50 7.94
CA GLU A 120 5.67 -16.90 8.31
C GLU A 120 4.60 -17.36 9.28
N ALA A 121 3.49 -16.63 9.34
CA ALA A 121 2.39 -16.99 10.20
C ALA A 121 1.22 -17.37 9.30
N TRP A 122 1.57 -17.78 8.08
CA TRP A 122 0.59 -18.19 7.08
C TRP A 122 -0.21 -19.41 7.49
N PHE A 123 -1.28 -19.66 6.76
CA PHE A 123 -2.14 -20.81 7.01
C PHE A 123 -2.79 -21.20 5.69
N SER A 124 -3.02 -22.49 5.52
CA SER A 124 -3.65 -22.99 4.31
C SER A 124 -5.15 -23.07 4.58
N LYS A 125 -5.89 -23.67 3.66
CA LYS A 125 -7.33 -23.79 3.80
C LYS A 125 -7.73 -24.36 5.16
N ASP A 126 -8.70 -23.70 5.80
CA ASP A 126 -9.22 -24.08 7.11
C ASP A 126 -8.17 -24.19 8.20
N PHE A 127 -7.02 -23.55 8.02
CA PHE A 127 -5.96 -23.59 9.01
C PHE A 127 -5.39 -25.01 9.19
N GLU A 128 -5.56 -25.87 8.19
CA GLU A 128 -5.05 -27.23 8.32
C GLU A 128 -3.56 -27.20 8.67
N GLN A 129 -2.79 -26.43 7.90
CA GLN A 129 -1.37 -26.28 8.16
C GLN A 129 -1.05 -24.82 8.45
N THR A 130 -0.10 -24.56 9.34
CA THR A 130 0.26 -23.20 9.69
C THR A 130 1.77 -22.98 9.69
N GLY A 131 2.19 -21.76 9.35
CA GLY A 131 3.61 -21.44 9.33
C GLY A 131 4.22 -21.51 10.71
N PRO A 132 5.56 -21.54 10.82
CA PRO A 132 6.24 -21.61 12.12
C PRO A 132 5.93 -20.47 13.10
N TYR A 133 5.49 -19.33 12.59
CA TYR A 133 5.16 -18.23 13.47
C TYR A 133 3.66 -18.03 13.71
N PHE A 134 2.84 -18.98 13.26
CA PHE A 134 1.39 -18.87 13.47
C PHE A 134 1.11 -18.96 14.96
N LYS A 135 0.16 -18.18 15.42
CA LYS A 135 -0.18 -18.15 16.83
C LYS A 135 -1.69 -18.12 17.08
N ARG A 136 -2.42 -17.43 16.21
CA ARG A 136 -3.87 -17.30 16.39
C ARG A 136 -4.68 -17.18 15.09
N GLU A 137 -5.95 -17.58 15.17
CA GLU A 137 -6.86 -17.53 14.04
C GLU A 137 -7.57 -16.18 13.97
N VAL A 138 -8.05 -15.71 15.11
CA VAL A 138 -8.76 -14.45 15.19
C VAL A 138 -7.80 -13.31 15.52
N TYR A 139 -7.61 -12.41 14.56
CA TYR A 139 -6.74 -11.27 14.74
C TYR A 139 -7.35 -10.20 15.64
N HIS A 140 -6.50 -9.49 16.36
CA HIS A 140 -6.92 -8.45 17.29
C HIS A 140 -6.39 -7.07 16.90
N TYR A 141 -7.31 -6.15 16.63
CA TYR A 141 -6.94 -4.78 16.26
C TYR A 141 -7.48 -3.79 17.31
N PRO A 142 -6.65 -3.41 18.28
CA PRO A 142 -7.09 -2.47 19.32
C PRO A 142 -7.41 -1.08 18.75
N ASN A 143 -6.80 -0.76 17.61
CA ASN A 143 -7.01 0.53 16.95
C ASN A 143 -6.71 1.74 17.84
N GLN A 144 -5.62 1.66 18.61
CA GLN A 144 -5.26 2.78 19.46
C GLN A 144 -4.19 3.58 18.74
N GLN A 145 -4.65 4.29 17.72
CA GLN A 145 -3.79 5.11 16.88
C GLN A 145 -4.64 6.23 16.28
N ARG A 146 -3.98 7.12 15.53
CA ARG A 146 -4.66 8.24 14.89
C ARG A 146 -5.61 7.76 13.80
N GLY A 147 -6.67 8.55 13.54
CA GLY A 147 -7.60 8.21 12.49
C GLY A 147 -6.79 8.20 11.19
N ALA A 148 -7.08 7.29 10.29
CA ALA A 148 -6.31 7.23 9.05
C ALA A 148 -6.80 6.21 8.04
N ILE A 149 -6.16 6.22 6.89
CA ILE A 149 -6.48 5.30 5.83
C ILE A 149 -5.50 4.13 5.94
N LEU A 150 -6.02 2.97 6.29
CA LEU A 150 -5.21 1.78 6.38
C LEU A 150 -5.76 0.88 5.28
N TRP A 151 -5.07 -0.21 4.99
CA TRP A 151 -5.58 -1.15 4.00
C TRP A 151 -5.04 -2.52 4.33
N TYR A 152 -5.80 -3.56 3.99
CA TYR A 152 -5.37 -4.91 4.28
C TYR A 152 -5.14 -5.73 3.04
N HIS A 153 -4.18 -6.65 3.13
CA HIS A 153 -3.83 -7.52 2.00
C HIS A 153 -3.02 -8.72 2.48
N ASP A 154 -2.86 -9.72 1.61
CA ASP A 154 -2.12 -10.91 1.96
C ASP A 154 -0.62 -10.62 2.10
N HIS A 155 0.05 -11.37 2.95
CA HIS A 155 1.48 -11.14 3.20
C HIS A 155 2.25 -12.46 3.36
N ALA A 156 1.76 -13.51 2.71
CA ALA A 156 2.37 -14.82 2.81
C ALA A 156 3.78 -14.92 2.23
N MET A 157 4.67 -15.57 2.98
CA MET A 157 6.06 -15.78 2.59
C MET A 157 6.21 -16.27 1.15
N ALA A 158 6.92 -15.49 0.33
CA ALA A 158 7.19 -15.84 -1.06
C ALA A 158 6.00 -15.91 -2.03
N LEU A 159 4.80 -15.55 -1.56
CA LEU A 159 3.62 -15.59 -2.43
C LEU A 159 2.87 -14.25 -2.44
N THR A 160 3.38 -13.30 -1.66
CA THR A 160 2.75 -11.98 -1.55
C THR A 160 2.40 -11.29 -2.86
N ARG A 161 3.34 -11.27 -3.81
CA ARG A 161 3.11 -10.61 -5.10
C ARG A 161 1.97 -11.28 -5.87
N LEU A 162 1.84 -12.60 -5.70
CA LEU A 162 0.81 -13.36 -6.40
C LEU A 162 -0.56 -13.27 -5.75
N ASN A 163 -0.61 -13.49 -4.44
CA ASN A 163 -1.86 -13.44 -3.72
C ASN A 163 -2.49 -12.05 -3.83
N VAL A 164 -1.66 -11.01 -3.72
CA VAL A 164 -2.18 -9.65 -3.82
C VAL A 164 -2.69 -9.40 -5.25
N TYR A 165 -1.89 -9.79 -6.24
CA TYR A 165 -2.28 -9.61 -7.63
C TYR A 165 -3.56 -10.37 -7.94
N ALA A 166 -3.79 -11.45 -7.21
CA ALA A 166 -4.99 -12.27 -7.40
C ALA A 166 -6.23 -11.47 -6.99
N GLY A 167 -6.04 -10.45 -6.18
CA GLY A 167 -7.16 -9.63 -5.78
C GLY A 167 -7.38 -9.49 -4.29
N LEU A 168 -6.46 -10.01 -3.48
CA LEU A 168 -6.61 -9.93 -2.03
C LEU A 168 -6.13 -8.59 -1.46
N VAL A 169 -6.98 -7.59 -1.60
CA VAL A 169 -6.71 -6.24 -1.13
C VAL A 169 -8.03 -5.64 -0.65
N GLY A 170 -7.98 -4.79 0.37
CA GLY A 170 -9.18 -4.18 0.89
C GLY A 170 -8.85 -2.93 1.69
N ALA A 171 -9.82 -2.04 1.84
CA ALA A 171 -9.58 -0.81 2.59
C ALA A 171 -10.09 -0.92 4.01
N TYR A 172 -9.39 -0.26 4.92
CA TYR A 172 -9.73 -0.28 6.34
C TYR A 172 -9.62 1.16 6.83
N ILE A 173 -10.70 1.71 7.37
CA ILE A 173 -10.69 3.10 7.82
C ILE A 173 -10.90 3.28 9.33
N ILE A 174 -10.00 4.04 9.95
CA ILE A 174 -10.12 4.34 11.37
C ILE A 174 -10.69 5.75 11.52
N HIS A 175 -11.85 5.87 12.14
CA HIS A 175 -12.48 7.18 12.36
C HIS A 175 -12.24 7.69 13.79
N ASP A 176 -11.62 8.85 13.91
CA ASP A 176 -11.37 9.44 15.22
C ASP A 176 -12.48 10.50 15.44
N PRO A 177 -13.44 10.21 16.32
CA PRO A 177 -14.55 11.13 16.60
C PRO A 177 -14.17 12.58 16.89
N LYS A 178 -12.93 12.83 17.29
CA LYS A 178 -12.49 14.19 17.59
C LYS A 178 -12.25 15.02 16.33
N GLU A 179 -12.01 14.35 15.20
CA GLU A 179 -11.79 15.05 13.96
C GLU A 179 -13.08 15.45 13.27
N LYS A 180 -14.21 14.93 13.75
CA LYS A 180 -15.50 15.23 13.15
C LYS A 180 -15.80 16.73 13.14
N ARG A 181 -15.24 17.45 14.11
CA ARG A 181 -15.46 18.90 14.18
C ARG A 181 -14.82 19.67 13.04
N LEU A 182 -13.92 19.03 12.30
CA LEU A 182 -13.28 19.69 11.16
C LEU A 182 -14.29 19.78 10.02
N LYS A 183 -15.37 19.02 10.15
CA LYS A 183 -16.44 18.97 9.17
C LYS A 183 -16.00 18.60 7.75
N LEU A 184 -14.97 17.77 7.66
CA LEU A 184 -14.47 17.33 6.36
C LEU A 184 -15.59 16.55 5.67
N PRO A 185 -15.58 16.50 4.33
CA PRO A 185 -16.64 15.77 3.63
C PRO A 185 -16.74 14.36 4.22
N SER A 186 -17.96 13.85 4.37
CA SER A 186 -18.14 12.54 4.96
C SER A 186 -19.27 11.71 4.33
N ASP A 187 -19.39 10.48 4.80
CA ASP A 187 -20.43 9.56 4.33
C ASP A 187 -20.34 9.28 2.83
N GLU A 188 -21.41 9.56 2.09
CA GLU A 188 -21.41 9.31 0.65
C GLU A 188 -20.31 10.10 -0.06
N TYR A 189 -19.93 11.23 0.54
CA TYR A 189 -18.92 12.09 -0.06
C TYR A 189 -17.51 11.78 0.42
N ASP A 190 -17.36 10.61 1.04
CA ASP A 190 -16.06 10.13 1.53
C ASP A 190 -15.88 8.82 0.77
N VAL A 191 -15.06 8.84 -0.27
CA VAL A 191 -14.88 7.67 -1.12
C VAL A 191 -13.46 7.12 -1.23
N PRO A 192 -13.30 5.81 -1.00
CA PRO A 192 -11.97 5.18 -1.09
C PRO A 192 -11.68 4.88 -2.55
N LEU A 193 -10.42 4.99 -2.95
CA LEU A 193 -10.04 4.69 -4.32
C LEU A 193 -8.83 3.75 -4.31
N LEU A 194 -9.07 2.46 -4.52
CA LEU A 194 -7.97 1.49 -4.56
C LEU A 194 -7.52 1.30 -6.00
N ILE A 195 -6.31 1.76 -6.30
CA ILE A 195 -5.75 1.69 -7.63
C ILE A 195 -4.86 0.47 -7.84
N THR A 196 -5.22 -0.35 -8.80
CA THR A 196 -4.45 -1.55 -9.11
C THR A 196 -4.35 -1.70 -10.61
N ASP A 197 -3.13 -1.80 -11.12
CA ASP A 197 -2.92 -1.99 -12.54
C ASP A 197 -2.91 -3.49 -12.79
N ARG A 198 -3.48 -3.92 -13.91
CA ARG A 198 -3.55 -5.33 -14.25
C ARG A 198 -3.38 -5.53 -15.74
N THR A 199 -3.07 -6.76 -16.12
CA THR A 199 -2.96 -7.13 -17.52
C THR A 199 -3.96 -8.27 -17.62
N ILE A 200 -4.90 -8.14 -18.55
CA ILE A 200 -5.96 -9.11 -18.73
C ILE A 200 -5.96 -9.72 -20.12
N ASN A 201 -6.12 -11.04 -20.19
CA ASN A 201 -6.15 -11.75 -21.47
C ASN A 201 -7.52 -11.60 -22.15
N GLU A 202 -7.56 -11.90 -23.45
CA GLU A 202 -8.79 -11.81 -24.24
C GLU A 202 -9.94 -12.57 -23.59
N ASP A 203 -9.65 -13.74 -23.03
CA ASP A 203 -10.69 -14.54 -22.40
C ASP A 203 -11.08 -13.95 -21.05
N GLY A 204 -10.52 -12.79 -20.72
CA GLY A 204 -10.84 -12.13 -19.47
C GLY A 204 -10.02 -12.60 -18.26
N SER A 205 -9.20 -13.63 -18.44
CA SER A 205 -8.39 -14.13 -17.34
C SER A 205 -7.22 -13.21 -17.07
N LEU A 206 -6.76 -13.23 -15.82
CA LEU A 206 -5.63 -12.40 -15.43
C LEU A 206 -4.34 -12.95 -15.99
N PHE A 207 -3.45 -12.05 -16.37
CA PHE A 207 -2.15 -12.45 -16.89
C PHE A 207 -1.09 -11.95 -15.94
N TYR A 208 -0.20 -12.85 -15.52
CA TYR A 208 0.90 -12.46 -14.67
C TYR A 208 2.07 -13.19 -15.29
N PRO A 209 3.14 -12.45 -15.60
CA PRO A 209 4.36 -13.00 -16.21
C PRO A 209 4.86 -14.29 -15.61
N SER A 210 5.04 -15.29 -16.46
CA SER A 210 5.52 -16.60 -16.06
C SER A 210 7.05 -16.57 -16.01
N ALA A 211 7.63 -15.51 -16.56
CA ALA A 211 9.07 -15.35 -16.60
C ALA A 211 9.44 -14.00 -17.23
N PRO A 212 10.72 -13.58 -17.09
CA PRO A 212 11.20 -12.32 -17.65
C PRO A 212 11.14 -12.28 -19.18
N GLU A 213 11.31 -11.09 -19.74
CA GLU A 213 11.28 -10.91 -21.18
C GLU A 213 12.48 -11.64 -21.78
N ASN A 214 12.22 -12.50 -22.76
CA ASN A 214 13.29 -13.26 -23.40
C ASN A 214 14.04 -14.06 -22.34
N PRO A 215 13.39 -15.09 -21.78
CA PRO A 215 13.93 -15.96 -20.73
C PRO A 215 15.25 -16.65 -21.11
N SER A 216 16.21 -16.64 -20.19
CA SER A 216 17.48 -17.29 -20.41
C SER A 216 17.25 -18.79 -20.31
N PRO A 217 17.99 -19.59 -21.10
CA PRO A 217 17.86 -21.05 -21.06
C PRO A 217 18.13 -21.64 -19.68
N SER A 218 18.99 -20.97 -18.92
CA SER A 218 19.35 -21.42 -17.57
C SER A 218 18.42 -20.83 -16.50
N LEU A 219 17.27 -20.33 -16.93
CA LEU A 219 16.32 -19.71 -16.02
C LEU A 219 15.18 -20.67 -15.65
N PRO A 220 14.73 -20.64 -14.39
CA PRO A 220 13.64 -21.50 -13.92
C PRO A 220 12.32 -21.12 -14.58
N ASN A 221 11.37 -22.05 -14.57
CA ASN A 221 10.06 -21.83 -15.15
C ASN A 221 9.01 -22.50 -14.27
N PRO A 222 8.14 -21.70 -13.61
CA PRO A 222 8.13 -20.24 -13.65
C PRO A 222 9.33 -19.58 -12.97
N SER A 223 9.53 -18.30 -13.27
CA SER A 223 10.62 -17.54 -12.65
C SER A 223 10.06 -16.19 -12.22
N ILE A 224 10.36 -15.82 -10.98
CA ILE A 224 9.91 -14.53 -10.45
C ILE A 224 10.51 -13.44 -11.33
N VAL A 225 9.82 -12.31 -11.45
CA VAL A 225 10.31 -11.18 -12.24
C VAL A 225 10.62 -10.05 -11.27
N PRO A 226 11.62 -9.22 -11.59
CA PRO A 226 11.99 -8.10 -10.71
C PRO A 226 10.97 -6.96 -10.63
N ALA A 227 10.00 -6.96 -11.52
CA ALA A 227 8.99 -5.89 -11.52
C ALA A 227 7.81 -6.24 -12.40
N PHE A 228 6.67 -5.62 -12.13
CA PHE A 228 5.48 -5.88 -12.92
C PHE A 228 4.72 -4.62 -13.29
N CYS A 229 4.44 -4.44 -14.58
CA CYS A 229 3.69 -3.29 -15.04
C CYS A 229 2.49 -3.77 -15.84
N GLY A 230 1.29 -3.50 -15.33
CA GLY A 230 0.07 -3.90 -16.02
C GLY A 230 -0.24 -2.97 -17.17
N GLU A 231 -0.92 -3.48 -18.19
CA GLU A 231 -1.28 -2.67 -19.35
C GLU A 231 -2.55 -1.89 -19.11
N THR A 232 -3.30 -2.31 -18.11
CA THR A 232 -4.57 -1.66 -17.79
C THR A 232 -4.62 -1.18 -16.35
N ILE A 233 -5.35 -0.10 -16.12
CA ILE A 233 -5.48 0.42 -14.78
C ILE A 233 -6.92 0.32 -14.28
N LEU A 234 -7.07 -0.14 -13.04
CA LEU A 234 -8.39 -0.28 -12.43
C LEU A 234 -8.48 0.55 -11.15
N VAL A 235 -9.70 0.83 -10.72
CA VAL A 235 -9.92 1.55 -9.49
C VAL A 235 -11.12 0.86 -8.89
N ASN A 236 -10.99 0.41 -7.66
CA ASN A 236 -12.08 -0.31 -6.99
C ASN A 236 -12.58 -1.51 -7.81
N GLY A 237 -11.67 -2.18 -8.50
CA GLY A 237 -12.04 -3.36 -9.26
C GLY A 237 -12.61 -3.21 -10.66
N LYS A 238 -12.56 -2.01 -11.24
CA LYS A 238 -13.08 -1.79 -12.58
C LYS A 238 -12.08 -1.06 -13.46
N VAL A 239 -11.96 -1.50 -14.71
CA VAL A 239 -11.03 -0.87 -15.64
C VAL A 239 -11.47 0.57 -15.93
N TRP A 240 -10.50 1.49 -16.01
CA TRP A 240 -10.76 2.91 -16.29
C TRP A 240 -12.25 3.27 -16.12
N PRO A 241 -12.72 3.36 -14.88
CA PRO A 241 -14.12 3.69 -14.61
C PRO A 241 -14.43 5.18 -14.56
N TYR A 242 -15.72 5.51 -14.43
CA TYR A 242 -16.15 6.89 -14.32
C TYR A 242 -16.97 6.97 -13.05
N LEU A 243 -16.96 8.13 -12.40
CA LEU A 243 -17.73 8.33 -11.19
C LEU A 243 -18.55 9.60 -11.28
N GLU A 244 -19.86 9.48 -11.07
CA GLU A 244 -20.72 10.65 -11.09
C GLU A 244 -20.64 11.32 -9.74
N VAL A 245 -20.29 12.60 -9.75
CA VAL A 245 -20.17 13.35 -8.51
C VAL A 245 -21.01 14.63 -8.54
N GLU A 246 -21.41 15.07 -7.36
CA GLU A 246 -22.17 16.31 -7.21
C GLU A 246 -21.19 17.47 -7.26
N PRO A 247 -21.64 18.66 -7.68
CA PRO A 247 -20.76 19.83 -7.76
C PRO A 247 -20.51 20.36 -6.35
N ARG A 248 -19.59 19.73 -5.63
CA ARG A 248 -19.25 20.12 -4.26
C ARG A 248 -17.96 19.46 -3.80
N LYS A 249 -17.62 19.60 -2.53
CA LYS A 249 -16.39 19.00 -2.01
C LYS A 249 -16.56 17.51 -1.67
N TYR A 250 -15.56 16.73 -2.07
CA TYR A 250 -15.51 15.28 -1.84
C TYR A 250 -14.18 14.92 -1.16
N ARG A 251 -14.21 13.85 -0.39
CA ARG A 251 -13.00 13.36 0.26
C ARG A 251 -12.68 12.02 -0.42
N PHE A 252 -11.41 11.80 -0.73
CA PHE A 252 -11.01 10.55 -1.37
C PHE A 252 -9.83 9.93 -0.63
N ARG A 253 -9.93 8.63 -0.35
CA ARG A 253 -8.86 7.91 0.33
C ARG A 253 -8.16 7.16 -0.79
N VAL A 254 -7.12 7.78 -1.35
CA VAL A 254 -6.38 7.18 -2.45
C VAL A 254 -5.35 6.16 -1.96
N ILE A 255 -5.45 4.94 -2.46
CA ILE A 255 -4.57 3.85 -2.05
C ILE A 255 -3.91 3.15 -3.24
N ASN A 256 -2.58 3.09 -3.25
CA ASN A 256 -1.89 2.39 -4.33
C ASN A 256 -1.77 0.94 -3.89
N ALA A 257 -2.61 0.08 -4.47
CA ALA A 257 -2.62 -1.33 -4.14
C ALA A 257 -1.99 -2.13 -5.26
N SER A 258 -1.06 -1.51 -5.96
CA SER A 258 -0.39 -2.17 -7.07
C SER A 258 0.92 -2.86 -6.67
N ASN A 259 1.26 -3.94 -7.38
CA ASN A 259 2.48 -4.67 -7.09
C ASN A 259 3.74 -3.83 -7.19
N THR A 260 3.91 -3.18 -8.35
CA THR A 260 5.11 -2.37 -8.62
C THR A 260 4.87 -0.91 -8.97
N ARG A 261 3.97 -0.69 -9.92
CA ARG A 261 3.66 0.64 -10.43
C ARG A 261 3.48 1.80 -9.46
N THR A 262 4.13 2.90 -9.79
CA THR A 262 4.04 4.13 -9.03
C THR A 262 3.24 5.09 -9.92
N TYR A 263 2.33 5.84 -9.33
CA TYR A 263 1.50 6.80 -10.06
C TYR A 263 1.85 8.24 -9.75
N ASN A 264 1.63 9.12 -10.71
CA ASN A 264 1.86 10.54 -10.50
C ASN A 264 0.58 11.18 -11.03
N LEU A 265 -0.36 11.40 -10.10
CA LEU A 265 -1.67 11.91 -10.43
C LEU A 265 -1.87 13.42 -10.58
N SER A 266 -2.87 13.76 -11.39
CA SER A 266 -3.25 15.15 -11.65
C SER A 266 -4.62 15.16 -12.33
N LEU A 267 -5.23 16.34 -12.44
CA LEU A 267 -6.54 16.48 -13.06
C LEU A 267 -6.35 17.18 -14.41
N ASP A 268 -6.89 16.61 -15.47
CA ASP A 268 -6.72 17.19 -16.81
C ASP A 268 -7.39 18.54 -17.03
N ASN A 269 -8.19 19.00 -16.08
CA ASN A 269 -8.83 20.29 -16.20
C ASN A 269 -8.02 21.29 -15.38
N GLY A 270 -6.84 20.84 -14.94
CA GLY A 270 -5.97 21.69 -14.15
C GLY A 270 -6.36 21.96 -12.70
N GLY A 271 -7.47 21.39 -12.25
CA GLY A 271 -7.88 21.61 -10.87
C GLY A 271 -6.85 21.10 -9.88
N ASP A 272 -6.96 21.54 -8.62
CA ASP A 272 -6.04 21.12 -7.57
C ASP A 272 -6.61 20.05 -6.66
N PHE A 273 -5.70 19.37 -5.96
CA PHE A 273 -6.07 18.37 -4.97
C PHE A 273 -5.77 19.10 -3.67
N ILE A 274 -6.47 18.74 -2.61
CA ILE A 274 -6.19 19.35 -1.32
C ILE A 274 -5.83 18.20 -0.39
N GLN A 275 -4.53 17.97 -0.21
CA GLN A 275 -4.11 16.88 0.67
C GLN A 275 -4.37 17.22 2.11
N ILE A 276 -5.10 16.37 2.80
CA ILE A 276 -5.40 16.57 4.20
C ILE A 276 -4.74 15.49 5.06
N GLY A 277 -4.27 14.42 4.41
CA GLY A 277 -3.64 13.34 5.16
C GLY A 277 -2.65 12.45 4.44
N SER A 278 -1.80 11.80 5.22
CA SER A 278 -0.78 10.88 4.69
C SER A 278 -0.99 9.50 5.32
N ASP A 279 -0.09 8.55 5.05
CA ASP A 279 -0.24 7.20 5.59
C ASP A 279 -0.61 7.18 7.06
N GLY A 280 0.02 8.05 7.84
CA GLY A 280 -0.23 8.09 9.28
C GLY A 280 -1.40 8.90 9.78
N GLY A 281 -2.16 9.51 8.88
CA GLY A 281 -3.31 10.31 9.31
C GLY A 281 -3.25 11.75 8.85
N LEU A 282 -4.08 12.58 9.48
CA LEU A 282 -4.16 13.99 9.14
C LEU A 282 -2.85 14.75 9.24
N LEU A 283 -2.56 15.56 8.21
CA LEU A 283 -1.36 16.37 8.20
C LEU A 283 -1.63 17.52 9.15
N PRO A 284 -0.58 18.21 9.61
CA PRO A 284 -0.84 19.33 10.52
C PRO A 284 -1.59 20.47 9.79
N ARG A 285 -1.20 20.73 8.54
CA ARG A 285 -1.83 21.77 7.73
C ARG A 285 -2.15 21.22 6.33
N SER A 286 -3.31 21.59 5.78
CA SER A 286 -3.68 21.11 4.46
C SER A 286 -2.72 21.66 3.40
N VAL A 287 -2.57 20.93 2.30
CA VAL A 287 -1.65 21.34 1.23
C VAL A 287 -2.29 21.29 -0.16
N LYS A 288 -2.28 22.43 -0.86
CA LYS A 288 -2.84 22.50 -2.21
C LYS A 288 -1.81 21.89 -3.16
N LEU A 289 -2.23 20.90 -3.94
CA LEU A 289 -1.33 20.25 -4.87
C LEU A 289 -1.92 20.17 -6.27
N ASN A 290 -1.05 20.26 -7.28
CA ASN A 290 -1.50 20.16 -8.67
C ASN A 290 -1.26 18.74 -9.11
N SER A 291 -0.39 18.05 -8.38
CA SER A 291 -0.07 16.66 -8.68
C SER A 291 0.66 16.08 -7.48
N PHE A 292 0.79 14.76 -7.45
CA PHE A 292 1.49 14.10 -6.37
C PHE A 292 1.86 12.69 -6.76
N SER A 293 2.99 12.21 -6.24
CA SER A 293 3.50 10.87 -6.52
C SER A 293 2.88 9.90 -5.50
N LEU A 294 2.62 8.68 -5.93
CA LEU A 294 2.04 7.68 -5.05
C LEU A 294 2.61 6.29 -5.39
N ALA A 295 3.58 5.85 -4.62
CA ALA A 295 4.21 4.56 -4.84
C ALA A 295 3.38 3.46 -4.17
N PRO A 296 3.71 2.18 -4.45
CA PRO A 296 2.95 1.08 -3.85
C PRO A 296 2.80 1.21 -2.33
N ALA A 297 1.59 0.94 -1.85
CA ALA A 297 1.27 0.99 -0.42
C ALA A 297 1.08 2.38 0.18
N GLU A 298 1.44 3.42 -0.57
CA GLU A 298 1.26 4.78 -0.07
C GLU A 298 -0.22 5.17 -0.12
N ARG A 299 -0.62 6.03 0.79
CA ARG A 299 -2.00 6.49 0.82
C ARG A 299 -2.08 8.01 0.93
N TYR A 300 -2.97 8.60 0.16
CA TYR A 300 -3.14 10.04 0.21
C TYR A 300 -4.59 10.30 0.59
N ASP A 301 -4.80 11.13 1.60
CA ASP A 301 -6.15 11.48 2.02
C ASP A 301 -6.34 12.87 1.42
N ILE A 302 -7.21 12.97 0.42
CA ILE A 302 -7.42 14.25 -0.24
C ILE A 302 -8.86 14.72 -0.38
N ILE A 303 -8.99 16.01 -0.68
CA ILE A 303 -10.27 16.64 -0.91
C ILE A 303 -10.18 17.21 -2.31
N ILE A 304 -11.22 17.01 -3.10
CA ILE A 304 -11.27 17.58 -4.45
C ILE A 304 -12.53 18.41 -4.51
N ASP A 305 -12.39 19.69 -4.85
CA ASP A 305 -13.54 20.59 -4.92
C ASP A 305 -14.10 20.63 -6.34
N PHE A 306 -15.28 20.04 -6.52
CA PHE A 306 -15.93 20.00 -7.84
C PHE A 306 -16.93 21.13 -7.99
N THR A 307 -17.13 21.89 -6.92
CA THR A 307 -18.09 22.99 -6.91
C THR A 307 -18.14 23.87 -8.17
N ALA A 308 -16.98 24.19 -8.73
CA ALA A 308 -16.94 25.06 -9.91
C ALA A 308 -16.82 24.35 -11.25
N TYR A 309 -17.03 23.04 -11.27
CA TYR A 309 -16.91 22.28 -12.51
C TYR A 309 -18.19 21.56 -12.90
N GLU A 310 -19.33 22.06 -12.44
CA GLU A 310 -20.59 21.42 -12.75
C GLU A 310 -20.72 21.16 -14.26
N GLY A 311 -21.09 19.92 -14.60
CA GLY A 311 -21.25 19.53 -15.98
C GLY A 311 -20.01 18.97 -16.65
N GLU A 312 -18.84 19.20 -16.07
CA GLU A 312 -17.59 18.73 -16.66
C GLU A 312 -17.18 17.28 -16.42
N SER A 313 -16.44 16.74 -17.37
CA SER A 313 -15.88 15.39 -17.30
C SER A 313 -14.40 15.66 -17.07
N ILE A 314 -13.89 15.27 -15.91
CA ILE A 314 -12.51 15.48 -15.56
C ILE A 314 -11.79 14.15 -15.43
N ILE A 315 -10.60 14.06 -16.03
CA ILE A 315 -9.83 12.83 -15.95
C ILE A 315 -8.72 12.85 -14.90
N LEU A 316 -8.66 11.78 -14.11
CA LEU A 316 -7.62 11.63 -13.11
C LEU A 316 -6.51 11.00 -13.94
N ALA A 317 -5.51 11.81 -14.28
CA ALA A 317 -4.41 11.38 -15.13
C ALA A 317 -3.12 10.97 -14.41
N ASN A 318 -2.32 10.17 -15.11
CA ASN A 318 -1.06 9.66 -14.60
C ASN A 318 0.08 9.93 -15.58
N SER A 319 1.18 10.48 -15.07
CA SER A 319 2.32 10.82 -15.90
C SER A 319 3.54 9.94 -15.64
N ALA A 320 3.51 9.17 -14.54
CA ALA A 320 4.63 8.30 -14.20
C ALA A 320 4.63 7.06 -15.08
N GLY A 321 5.80 6.72 -15.62
CA GLY A 321 5.89 5.54 -16.45
C GLY A 321 6.23 4.30 -15.65
N CYS A 322 6.02 3.14 -16.24
CA CYS A 322 6.31 1.88 -15.59
C CYS A 322 6.92 0.99 -16.65
N GLY A 323 8.24 0.88 -16.62
CA GLY A 323 8.94 0.07 -17.61
C GLY A 323 8.87 0.74 -18.97
N GLY A 324 8.70 2.07 -18.94
CA GLY A 324 8.61 2.85 -20.16
C GLY A 324 7.75 4.08 -19.97
N ASP A 325 7.66 4.93 -20.98
CA ASP A 325 6.83 6.13 -20.88
C ASP A 325 5.37 5.73 -20.83
N VAL A 326 4.52 6.63 -20.34
CA VAL A 326 3.09 6.34 -20.26
C VAL A 326 2.45 6.39 -21.63
N ASN A 327 1.47 5.53 -21.86
CA ASN A 327 0.75 5.51 -23.11
C ASN A 327 -0.48 6.40 -22.94
N PRO A 328 -0.56 7.49 -23.71
CA PRO A 328 -1.67 8.45 -23.65
C PRO A 328 -3.05 7.80 -23.67
N GLU A 329 -3.18 6.72 -24.42
CA GLU A 329 -4.47 6.05 -24.53
C GLU A 329 -4.72 4.96 -23.48
N THR A 330 -3.71 4.64 -22.68
CA THR A 330 -3.89 3.60 -21.68
C THR A 330 -3.53 4.00 -20.25
N ASP A 331 -2.37 3.57 -19.78
CA ASP A 331 -1.96 3.84 -18.41
C ASP A 331 -1.78 5.30 -18.02
N ALA A 332 -2.06 6.21 -18.94
CA ALA A 332 -1.95 7.64 -18.63
C ALA A 332 -3.30 8.06 -18.04
N ASN A 333 -4.23 7.12 -18.00
CA ASN A 333 -5.56 7.36 -17.48
C ASN A 333 -5.85 6.46 -16.29
N ILE A 334 -6.48 7.02 -15.26
CA ILE A 334 -6.85 6.28 -14.07
C ILE A 334 -8.38 6.16 -14.04
N MET A 335 -9.06 7.30 -13.97
CA MET A 335 -10.51 7.31 -13.97
C MET A 335 -11.04 8.65 -14.46
N GLN A 336 -12.36 8.76 -14.53
CA GLN A 336 -12.99 9.97 -15.02
C GLN A 336 -14.09 10.42 -14.09
N PHE A 337 -14.04 11.68 -13.68
CA PHE A 337 -15.06 12.24 -12.81
C PHE A 337 -16.09 12.94 -13.70
N ARG A 338 -17.37 12.79 -13.37
CA ARG A 338 -18.46 13.44 -14.10
C ARG A 338 -19.28 14.25 -13.13
N VAL A 339 -19.10 15.57 -13.13
CA VAL A 339 -19.83 16.43 -12.22
C VAL A 339 -21.25 16.67 -12.73
N THR A 340 -22.03 15.60 -12.82
CA THR A 340 -23.39 15.71 -13.33
C THR A 340 -24.48 15.24 -12.37
N LYS A 341 -24.12 14.92 -11.12
CA LYS A 341 -25.12 14.47 -10.17
C LYS A 341 -25.68 15.66 -9.40
N PRO A 342 -27.02 15.76 -9.31
CA PRO A 342 -27.65 16.88 -8.59
C PRO A 342 -27.27 16.87 -7.10
N LEU A 343 -27.17 18.04 -6.50
CA LEU A 343 -26.82 18.13 -5.10
C LEU A 343 -27.91 17.48 -4.27
N ALA A 344 -27.54 16.58 -3.36
CA ALA A 344 -28.53 15.92 -2.53
C ALA A 344 -28.89 16.89 -1.41
N GLN A 345 -27.99 17.83 -1.13
CA GLN A 345 -28.22 18.84 -0.09
C GLN A 345 -27.12 19.89 -0.14
N LYS A 346 -27.19 20.88 0.73
CA LYS A 346 -26.18 21.91 0.77
C LYS A 346 -24.83 21.32 1.16
N ASP A 347 -23.75 21.80 0.56
CA ASP A 347 -22.43 21.31 0.90
C ASP A 347 -22.02 21.99 2.21
N GLU A 348 -22.09 21.24 3.31
CA GLU A 348 -21.71 21.76 4.61
C GLU A 348 -20.29 21.38 4.98
N SER A 349 -19.63 20.60 4.14
CA SER A 349 -18.26 20.19 4.43
C SER A 349 -17.32 21.37 4.36
N ARG A 350 -16.12 21.20 4.89
CA ARG A 350 -15.12 22.26 4.88
C ARG A 350 -13.78 21.73 4.42
N LYS A 351 -12.90 22.64 4.03
CA LYS A 351 -11.56 22.27 3.63
C LYS A 351 -10.65 23.15 4.46
N PRO A 352 -10.66 22.94 5.80
CA PRO A 352 -9.86 23.71 6.76
C PRO A 352 -8.34 23.62 6.55
N LYS A 353 -7.66 24.68 6.93
CA LYS A 353 -6.21 24.73 6.80
C LYS A 353 -5.57 24.07 8.03
N TYR A 354 -6.12 24.35 9.21
CA TYR A 354 -5.59 23.80 10.45
C TYR A 354 -6.22 22.43 10.72
N LEU A 355 -5.45 21.37 10.43
CA LEU A 355 -5.95 20.02 10.61
C LEU A 355 -5.53 19.33 11.91
N ALA A 356 -4.24 19.30 12.18
CA ALA A 356 -3.79 18.65 13.42
C ALA A 356 -2.47 19.17 13.98
N SER A 357 -2.20 18.78 15.22
CA SER A 357 -0.98 19.14 15.93
C SER A 357 0.22 18.64 15.13
N TYR A 358 1.32 19.37 15.19
CA TYR A 358 2.52 18.97 14.46
C TYR A 358 3.26 17.81 15.11
N PRO A 359 3.86 16.93 14.31
CA PRO A 359 4.60 15.77 14.81
C PRO A 359 5.90 16.25 15.48
N SER A 360 6.42 17.36 14.99
CA SER A 360 7.66 17.94 15.52
C SER A 360 7.46 18.50 16.93
N VAL A 361 6.21 18.60 17.38
CA VAL A 361 5.93 19.11 18.72
C VAL A 361 6.57 18.13 19.71
N GLN A 362 6.64 16.88 19.30
CA GLN A 362 7.23 15.83 20.14
C GLN A 362 8.75 15.95 20.17
N HIS A 363 9.30 15.88 21.38
CA HIS A 363 10.74 15.96 21.59
C HIS A 363 11.26 14.67 22.20
N GLU A 364 11.71 13.75 21.35
CA GLU A 364 12.23 12.48 21.84
C GLU A 364 13.73 12.38 21.66
N ARG A 365 14.36 11.68 22.61
CA ARG A 365 15.80 11.48 22.58
C ARG A 365 16.14 10.42 21.54
N ILE A 366 17.21 10.64 20.80
CA ILE A 366 17.62 9.67 19.80
C ILE A 366 18.43 8.57 20.47
N GLN A 367 17.79 7.42 20.65
CA GLN A 367 18.40 6.28 21.29
C GLN A 367 19.43 5.59 20.41
N ASN A 368 19.18 5.58 19.11
CA ASN A 368 20.09 4.92 18.20
C ASN A 368 19.95 5.43 16.77
N ILE A 369 20.94 5.12 15.94
CA ILE A 369 20.95 5.53 14.56
C ILE A 369 21.42 4.38 13.68
N ARG A 370 20.52 3.85 12.87
CA ARG A 370 20.84 2.74 11.98
C ARG A 370 21.09 3.17 10.55
N THR A 371 22.19 2.69 9.97
CA THR A 371 22.50 3.00 8.60
C THR A 371 22.20 1.75 7.79
N LEU A 372 21.25 1.84 6.88
CA LEU A 372 20.84 0.70 6.07
C LEU A 372 21.02 1.01 4.59
N LYS A 373 21.46 0.01 3.83
CA LYS A 373 21.64 0.21 2.39
C LYS A 373 20.76 -0.72 1.58
N LEU A 374 20.34 -0.25 0.42
CA LEU A 374 19.51 -1.04 -0.48
C LEU A 374 20.43 -1.64 -1.54
N ALA A 375 20.65 -2.95 -1.46
CA ALA A 375 21.54 -3.61 -2.39
C ALA A 375 20.96 -4.89 -2.99
N GLY A 376 21.79 -5.92 -3.08
CA GLY A 376 21.35 -7.18 -3.64
C GLY A 376 22.51 -7.90 -4.31
N THR A 377 22.31 -9.17 -4.62
CA THR A 377 23.34 -9.98 -5.24
C THR A 377 22.72 -10.60 -6.49
N GLN A 378 23.25 -11.73 -6.94
CA GLN A 378 22.73 -12.41 -8.11
C GLN A 378 22.75 -13.91 -7.83
N ASP A 379 21.64 -14.60 -8.11
CA ASP A 379 21.61 -16.03 -7.84
C ASP A 379 22.26 -16.88 -8.92
N GLU A 380 22.21 -18.19 -8.73
CA GLU A 380 22.80 -19.16 -9.65
C GLU A 380 22.17 -19.15 -11.04
N TYR A 381 21.01 -18.49 -11.16
CA TYR A 381 20.30 -18.42 -12.43
C TYR A 381 20.56 -17.12 -13.17
N GLY A 382 21.30 -16.21 -12.54
CA GLY A 382 21.60 -14.93 -13.16
C GLY A 382 20.59 -13.85 -12.82
N ARG A 383 19.61 -14.20 -11.99
CA ARG A 383 18.58 -13.24 -11.60
C ARG A 383 19.03 -12.33 -10.46
N PRO A 384 18.45 -11.13 -10.40
CA PRO A 384 18.85 -10.23 -9.31
C PRO A 384 18.09 -10.60 -8.04
N VAL A 385 18.78 -10.55 -6.90
CA VAL A 385 18.17 -10.83 -5.61
C VAL A 385 18.35 -9.59 -4.76
N LEU A 386 17.28 -8.82 -4.56
CA LEU A 386 17.36 -7.59 -3.78
C LEU A 386 17.41 -7.85 -2.28
N LEU A 387 18.42 -7.28 -1.63
CA LEU A 387 18.60 -7.47 -0.19
C LEU A 387 18.71 -6.17 0.58
N LEU A 388 18.09 -6.14 1.76
CA LEU A 388 18.15 -4.97 2.63
C LEU A 388 19.42 -5.15 3.45
N ASN A 389 20.38 -4.25 3.27
CA ASN A 389 21.65 -4.32 4.01
C ASN A 389 22.39 -5.63 3.75
N ASN A 390 22.32 -6.10 2.51
CA ASN A 390 22.98 -7.35 2.10
C ASN A 390 22.67 -8.57 2.96
N LYS A 391 21.53 -8.53 3.64
CA LYS A 391 21.13 -9.65 4.47
C LYS A 391 19.94 -10.33 3.82
N ARG A 392 19.79 -11.63 4.05
CA ARG A 392 18.67 -12.35 3.50
C ARG A 392 17.62 -12.45 4.59
N TRP A 393 16.37 -12.67 4.21
CA TRP A 393 15.28 -12.77 5.17
C TRP A 393 15.57 -13.80 6.27
N HIS A 394 16.11 -14.96 5.90
CA HIS A 394 16.39 -15.99 6.89
C HIS A 394 17.57 -15.73 7.83
N ASP A 395 18.44 -14.77 7.50
CA ASP A 395 19.58 -14.49 8.38
C ASP A 395 19.11 -13.97 9.74
N PRO A 396 19.96 -14.08 10.78
CA PRO A 396 19.60 -13.61 12.12
C PRO A 396 19.21 -12.14 12.11
N VAL A 397 18.16 -11.81 12.85
CA VAL A 397 17.66 -10.44 12.92
C VAL A 397 18.77 -9.46 13.31
N THR A 398 18.75 -8.28 12.71
CA THR A 398 19.75 -7.25 13.00
C THR A 398 19.12 -5.91 13.39
N GLU A 399 17.90 -5.65 12.93
CA GLU A 399 17.22 -4.40 13.29
C GLU A 399 16.42 -4.68 14.57
N THR A 400 17.04 -4.40 15.71
CA THR A 400 16.43 -4.67 17.00
C THR A 400 16.24 -3.44 17.90
N PRO A 401 15.27 -2.57 17.56
CA PRO A 401 15.05 -1.39 18.40
C PRO A 401 14.44 -1.78 19.75
N LYS A 402 14.59 -0.91 20.73
CA LYS A 402 14.05 -1.18 22.06
C LYS A 402 12.71 -0.48 22.19
N VAL A 403 11.72 -1.21 22.68
CA VAL A 403 10.39 -0.65 22.83
C VAL A 403 10.45 0.70 23.54
N GLY A 404 9.62 1.63 23.10
CA GLY A 404 9.58 2.94 23.72
C GLY A 404 10.67 3.91 23.32
N THR A 405 11.66 3.46 22.56
CA THR A 405 12.74 4.36 22.15
C THR A 405 12.58 4.86 20.72
N THR A 406 13.29 5.94 20.41
CA THR A 406 13.24 6.54 19.09
C THR A 406 14.58 6.39 18.39
N GLU A 407 14.53 6.07 17.10
CA GLU A 407 15.76 5.90 16.34
C GLU A 407 15.67 6.69 15.04
N ILE A 408 16.82 6.93 14.43
CA ILE A 408 16.89 7.61 13.15
C ILE A 408 17.42 6.57 12.18
N TRP A 409 16.67 6.29 11.13
CA TRP A 409 17.12 5.31 10.14
C TRP A 409 17.62 6.05 8.90
N SER A 410 18.86 5.79 8.52
CA SER A 410 19.46 6.39 7.35
C SER A 410 19.50 5.31 6.28
N ILE A 411 18.67 5.48 5.26
CA ILE A 411 18.57 4.52 4.18
C ILE A 411 19.36 4.97 2.97
N ILE A 412 20.43 4.23 2.66
CA ILE A 412 21.30 4.54 1.53
C ILE A 412 20.82 3.79 0.29
N ASN A 413 20.55 4.51 -0.79
CA ASN A 413 20.09 3.87 -2.02
C ASN A 413 21.03 4.08 -3.21
N PRO A 414 21.93 3.13 -3.45
CA PRO A 414 22.88 3.21 -4.56
C PRO A 414 22.33 2.59 -5.83
N THR A 415 21.09 2.12 -5.77
CA THR A 415 20.46 1.51 -6.95
C THR A 415 19.94 2.61 -7.84
N ARG A 416 19.60 2.27 -9.08
CA ARG A 416 19.13 3.26 -10.04
C ARG A 416 17.61 3.47 -10.01
N GLY A 417 16.93 2.91 -9.02
CA GLY A 417 15.49 3.09 -8.94
C GLY A 417 14.99 3.41 -7.54
N THR A 418 13.78 3.94 -7.45
CA THR A 418 13.20 4.29 -6.17
C THR A 418 12.60 3.06 -5.48
N HIS A 419 12.69 3.04 -4.16
CA HIS A 419 12.18 1.93 -3.35
C HIS A 419 11.24 2.43 -2.27
N PRO A 420 9.98 1.96 -2.29
CA PRO A 420 9.03 2.39 -1.26
C PRO A 420 9.29 1.58 -0.01
N ILE A 421 10.04 2.15 0.93
CA ILE A 421 10.36 1.44 2.15
C ILE A 421 9.26 1.57 3.19
N HIS A 422 8.86 0.42 3.73
CA HIS A 422 7.80 0.34 4.73
C HIS A 422 8.23 -0.38 6.01
N LEU A 423 7.82 0.18 7.14
CA LEU A 423 8.12 -0.40 8.45
C LEU A 423 6.79 -0.71 9.12
N HIS A 424 6.65 -1.92 9.66
CA HIS A 424 5.41 -2.28 10.33
C HIS A 424 5.30 -1.66 11.71
N LEU A 425 4.10 -1.77 12.28
CA LEU A 425 3.76 -1.25 13.60
C LEU A 425 3.80 0.25 13.76
N VAL A 426 4.96 0.83 13.50
CA VAL A 426 5.14 2.27 13.69
C VAL A 426 4.76 3.22 12.57
N SER A 427 4.70 4.48 12.95
CA SER A 427 4.41 5.58 12.04
C SER A 427 5.69 6.40 12.23
N PHE A 428 6.17 7.07 11.18
CA PHE A 428 7.40 7.83 11.34
C PHE A 428 7.45 9.17 10.65
N ARG A 429 8.41 9.99 11.07
CA ARG A 429 8.60 11.33 10.49
C ARG A 429 9.74 11.29 9.50
N VAL A 430 9.68 12.17 8.52
CA VAL A 430 10.72 12.27 7.51
C VAL A 430 11.61 13.45 7.89
N LEU A 431 12.91 13.21 7.95
CA LEU A 431 13.84 14.28 8.31
C LEU A 431 14.41 14.97 7.09
N ASP A 432 14.97 14.20 6.15
CA ASP A 432 15.53 14.79 4.93
C ASP A 432 16.06 13.77 3.93
N ARG A 433 16.46 14.27 2.77
CA ARG A 433 17.02 13.46 1.71
C ARG A 433 18.29 14.16 1.22
N ARG A 434 19.30 13.39 0.83
CA ARG A 434 20.55 14.00 0.37
C ARG A 434 21.24 13.12 -0.67
N PRO A 435 21.69 13.73 -1.78
CA PRO A 435 22.37 13.00 -2.86
C PRO A 435 23.82 12.65 -2.52
N PHE A 436 24.30 11.54 -3.08
CA PHE A 436 25.67 11.11 -2.84
C PHE A 436 26.30 10.45 -4.07
N ASP A 437 27.63 10.33 -4.05
CA ASP A 437 28.39 9.74 -5.15
C ASP A 437 28.16 8.23 -5.14
N ILE A 438 27.34 7.74 -6.07
CA ILE A 438 27.06 6.31 -6.13
C ILE A 438 28.30 5.49 -6.45
N ALA A 439 29.05 5.91 -7.46
CA ALA A 439 30.27 5.19 -7.87
C ALA A 439 31.22 5.06 -6.69
N ARG A 440 31.43 6.17 -5.99
CA ARG A 440 32.31 6.20 -4.83
C ARG A 440 31.86 5.17 -3.80
N TYR A 441 30.60 5.27 -3.38
CA TYR A 441 30.02 4.37 -2.39
C TYR A 441 30.14 2.91 -2.79
N GLN A 442 29.91 2.63 -4.07
CA GLN A 442 29.97 1.27 -4.58
C GLN A 442 31.39 0.72 -4.66
N GLU A 443 32.35 1.61 -4.88
CA GLU A 443 33.74 1.20 -4.99
C GLU A 443 34.48 1.18 -3.65
N SER A 444 34.20 2.15 -2.79
CA SER A 444 34.88 2.23 -1.50
C SER A 444 34.00 2.02 -0.27
N GLY A 445 32.68 2.04 -0.48
CA GLY A 445 31.79 1.89 0.65
C GLY A 445 31.72 3.19 1.41
N GLU A 446 32.45 4.18 0.92
CA GLU A 446 32.49 5.51 1.54
C GLU A 446 31.36 6.38 0.99
N LEU A 447 30.63 7.02 1.91
CA LEU A 447 29.51 7.88 1.56
C LEU A 447 29.93 9.34 1.44
N SER A 448 29.84 9.90 0.24
CA SER A 448 30.20 11.30 0.02
C SER A 448 29.03 12.08 -0.61
N TYR A 449 28.42 12.94 0.18
CA TYR A 449 27.30 13.75 -0.28
C TYR A 449 27.70 14.75 -1.35
N THR A 450 26.86 14.91 -2.37
CA THR A 450 27.13 15.83 -3.46
C THR A 450 26.12 16.98 -3.51
N GLY A 451 25.69 17.41 -2.32
CA GLY A 451 24.73 18.49 -2.22
C GLY A 451 24.20 18.52 -0.80
N PRO A 452 23.50 19.60 -0.41
CA PRO A 452 22.97 19.70 0.95
C PRO A 452 21.76 18.79 1.20
N ALA A 453 21.36 18.72 2.47
CA ALA A 453 20.21 17.91 2.85
C ALA A 453 18.97 18.67 2.42
N VAL A 454 17.97 17.94 1.93
CA VAL A 454 16.73 18.53 1.48
C VAL A 454 15.60 18.07 2.38
N PRO A 455 14.99 19.01 3.13
CA PRO A 455 13.89 18.65 4.03
C PRO A 455 12.68 18.23 3.22
N PRO A 456 11.75 17.48 3.84
CA PRO A 456 10.54 17.04 3.12
C PRO A 456 9.57 18.16 2.76
N PRO A 457 8.75 17.94 1.73
CA PRO A 457 7.77 18.93 1.30
C PRO A 457 6.56 18.81 2.22
N PRO A 458 5.62 19.77 2.14
CA PRO A 458 4.43 19.73 2.99
C PRO A 458 3.76 18.36 3.06
N SER A 459 3.80 17.61 1.97
CA SER A 459 3.19 16.28 1.91
C SER A 459 3.77 15.27 2.91
N GLU A 460 5.08 15.37 3.15
CA GLU A 460 5.74 14.45 4.07
C GLU A 460 6.12 15.06 5.42
N LYS A 461 5.35 16.06 5.85
CA LYS A 461 5.61 16.71 7.13
C LYS A 461 4.71 16.15 8.23
N GLY A 462 3.96 15.11 7.89
CA GLY A 462 3.09 14.47 8.85
C GLY A 462 3.66 13.13 9.25
N TRP A 463 2.82 12.09 9.25
CA TRP A 463 3.26 10.76 9.62
C TRP A 463 3.19 9.82 8.42
N LYS A 464 4.27 9.06 8.20
CA LYS A 464 4.36 8.12 7.09
C LYS A 464 4.73 6.71 7.57
N ASP A 465 4.35 5.69 6.81
CA ASP A 465 4.72 4.32 7.15
C ASP A 465 5.34 3.64 5.93
N THR A 466 5.12 4.25 4.76
CA THR A 466 5.69 3.77 3.51
C THR A 466 6.29 5.02 2.89
N ILE A 467 7.60 5.01 2.69
CA ILE A 467 8.26 6.19 2.18
C ILE A 467 9.17 5.89 0.99
N GLN A 468 9.14 6.80 0.02
CA GLN A 468 9.93 6.65 -1.19
C GLN A 468 11.38 7.02 -0.99
N ALA A 469 12.27 6.05 -1.23
CA ALA A 469 13.71 6.26 -1.12
C ALA A 469 14.26 6.30 -2.54
N HIS A 470 14.45 7.51 -3.05
CA HIS A 470 14.96 7.73 -4.40
C HIS A 470 16.39 7.24 -4.60
N ALA A 471 16.74 7.00 -5.85
CA ALA A 471 18.08 6.53 -6.21
C ALA A 471 19.14 7.58 -5.94
N GLY A 472 20.36 7.12 -5.68
CA GLY A 472 21.46 8.03 -5.41
C GLY A 472 21.23 9.03 -4.30
N GLU A 473 20.47 8.64 -3.28
CA GLU A 473 20.23 9.54 -2.16
C GLU A 473 20.19 8.80 -0.83
N VAL A 474 20.29 9.57 0.24
CA VAL A 474 20.23 9.02 1.59
C VAL A 474 18.99 9.64 2.24
N LEU A 475 18.06 8.77 2.61
CA LEU A 475 16.82 9.20 3.25
C LEU A 475 16.90 8.94 4.76
N ARG A 476 16.56 9.95 5.54
CA ARG A 476 16.58 9.79 6.99
C ARG A 476 15.17 9.92 7.57
N ILE A 477 14.79 8.98 8.43
CA ILE A 477 13.49 9.01 9.07
C ILE A 477 13.66 8.80 10.58
N ALA A 478 12.66 9.19 11.34
CA ALA A 478 12.70 9.05 12.78
C ALA A 478 11.42 8.39 13.26
N ALA A 479 11.57 7.34 14.07
CA ALA A 479 10.41 6.63 14.59
C ALA A 479 10.57 6.18 16.04
N THR A 480 9.46 6.17 16.76
CA THR A 480 9.45 5.73 18.15
C THR A 480 8.80 4.34 18.12
N PHE A 481 9.60 3.32 18.36
CA PHE A 481 9.10 1.95 18.34
C PHE A 481 8.29 1.53 19.56
N GLY A 482 7.00 1.34 19.30
CA GLY A 482 6.06 0.95 20.34
C GLY A 482 4.66 1.13 19.79
N PRO A 483 3.62 1.02 20.60
CA PRO A 483 3.67 0.73 22.03
C PRO A 483 3.96 -0.74 22.33
N TYR A 484 3.80 -1.59 21.33
CA TYR A 484 4.01 -3.03 21.50
C TYR A 484 5.44 -3.47 21.20
N SER A 485 5.81 -4.60 21.77
CA SER A 485 7.13 -5.20 21.55
C SER A 485 6.84 -6.51 20.82
N GLY A 486 7.84 -7.08 20.14
CA GLY A 486 7.61 -8.32 19.44
C GLY A 486 8.36 -8.47 18.12
N ARG A 487 8.00 -9.50 17.37
CA ARG A 487 8.65 -9.76 16.09
C ARG A 487 7.80 -9.23 14.94
N TYR A 488 8.34 -8.26 14.23
CA TYR A 488 7.67 -7.62 13.08
C TYR A 488 8.60 -7.68 11.88
N VAL A 489 8.35 -6.83 10.89
CA VAL A 489 9.17 -6.79 9.68
C VAL A 489 9.23 -5.37 9.11
N TRP A 490 10.16 -5.16 8.19
CA TRP A 490 10.30 -3.89 7.48
C TRP A 490 10.76 -4.34 6.10
N HIS A 491 10.32 -3.66 5.04
CA HIS A 491 10.69 -4.11 3.70
C HIS A 491 10.30 -3.14 2.59
N CYS A 492 10.76 -3.46 1.39
CA CYS A 492 10.42 -2.67 0.22
C CYS A 492 9.02 -3.10 -0.14
N HIS A 493 8.14 -2.17 -0.50
CA HIS A 493 6.78 -2.57 -0.82
C HIS A 493 6.50 -2.87 -2.28
N ILE A 494 7.56 -3.10 -3.05
CA ILE A 494 7.40 -3.49 -4.43
C ILE A 494 7.40 -5.00 -4.25
N LEU A 495 6.21 -5.58 -4.26
CA LEU A 495 6.03 -7.01 -4.04
C LEU A 495 7.03 -7.92 -4.76
N GLU A 496 7.29 -7.65 -6.03
CA GLU A 496 8.24 -8.46 -6.78
C GLU A 496 9.61 -8.47 -6.06
N HIS A 497 9.92 -7.37 -5.37
CA HIS A 497 11.18 -7.27 -4.64
C HIS A 497 11.04 -7.95 -3.29
N GLU A 498 9.95 -7.63 -2.60
CA GLU A 498 9.67 -8.19 -1.29
C GLU A 498 9.77 -9.71 -1.27
N ASP A 499 9.17 -10.37 -2.27
CA ASP A 499 9.18 -11.83 -2.33
C ASP A 499 10.52 -12.47 -2.58
N TYR A 500 11.47 -11.72 -3.13
CA TYR A 500 12.76 -12.30 -3.35
C TYR A 500 13.78 -11.59 -2.47
N ASP A 501 13.55 -11.80 -1.18
CA ASP A 501 14.35 -11.31 -0.07
C ASP A 501 14.62 -9.85 0.23
N MET A 502 13.83 -8.93 -0.30
CA MET A 502 14.07 -7.54 0.08
C MET A 502 13.12 -7.26 1.25
N MET A 503 13.19 -8.14 2.24
CA MET A 503 12.38 -8.05 3.45
C MET A 503 13.19 -8.62 4.61
N ARG A 504 13.13 -7.93 5.75
CA ARG A 504 13.87 -8.37 6.91
C ARG A 504 13.02 -8.32 8.17
N PRO A 505 13.31 -9.21 9.13
CA PRO A 505 12.55 -9.25 10.38
C PRO A 505 12.95 -8.04 11.21
N MET A 506 12.08 -7.64 12.13
CA MET A 506 12.36 -6.49 12.98
C MET A 506 11.87 -6.81 14.40
N ASP A 507 12.82 -6.97 15.32
CA ASP A 507 12.48 -7.27 16.70
C ASP A 507 12.47 -6.04 17.57
N ILE A 508 11.32 -5.71 18.12
CA ILE A 508 11.21 -4.58 19.03
C ILE A 508 11.32 -5.20 20.41
N THR A 509 12.52 -5.11 20.98
CA THR A 509 12.83 -5.70 22.27
C THR A 509 12.32 -4.97 23.49
N ASP A 510 12.08 -5.72 24.55
CA ASP A 510 11.60 -5.16 25.80
C ASP A 510 12.59 -5.50 26.91
N PRO A 511 12.79 -6.70 27.18
CU CU1 B . 12.39 -2.38 -4.03
CU CU1 C . 1.30 -3.37 2.96
CU CU1 D . 4.62 -5.52 5.12
CU4 C1O E . 2.50 -2.83 6.83
O3 C1O E . 1.76 -1.63 9.23
O1 OXY F . 2.94 -5.73 2.18
O2 OXY F . 3.58 -6.77 1.78
C1 GOL G . 3.17 -13.37 14.88
O1 GOL G . 2.98 -13.61 13.49
C2 GOL G . 4.44 -13.98 15.47
O2 GOL G . 4.18 -15.22 16.15
C3 GOL G . 5.05 -12.97 16.45
O3 GOL G . 5.86 -13.59 17.43
C1 GOL H . -8.36 -15.05 20.31
O1 GOL H . -7.43 -13.96 20.33
C2 GOL H . -7.74 -16.40 19.94
O2 GOL H . -6.48 -16.61 20.57
C3 GOL H . -7.58 -16.45 18.40
O3 GOL H . -7.35 -17.76 17.92
C1 EBS I . 12.14 -1.90 -11.00
C2 EBS I . 12.85 -1.11 -10.06
C3 EBS I . 11.07 -1.31 -11.79
C4 EBS I . 12.49 0.32 -9.85
C5 EBS I . 10.72 0.08 -11.59
C6 EBS I . 11.44 0.90 -10.63
N7 EBS I . 13.89 -1.87 -9.38
C8 EBS I . 13.91 -3.21 -9.88
S9 EBS I . 12.72 -3.58 -11.09
C10 EBS I . 18.74 -5.34 -11.81
C11 EBS I . 19.03 -5.08 -10.42
C12 EBS I . 19.80 -5.44 -12.77
C13 EBS I . 20.42 -4.92 -9.99
C14 EBS I . 21.18 -5.27 -12.31
C15 EBS I . 21.49 -5.01 -10.94
N16 EBS I . 17.80 -5.00 -9.49
C17 EBS I . 16.59 -5.26 -10.48
S18 EBS I . 17.03 -5.52 -12.18
N19 EBS I . 15.30 -5.29 -10.07
N20 EBS I . 14.77 -4.10 -9.42
C21 EBS I . 17.56 -3.53 -8.85
C22 EBS I . 18.68 -2.82 -8.05
S23 EBS I . 22.52 -5.37 -13.44
C24 EBS I . 14.84 -1.32 -8.31
C25 EBS I . 15.91 -0.39 -8.91
S26 EBS I . 9.44 0.81 -12.57
O39 EBS I . 24.20 -5.08 -12.52
O45 EBS I . 9.92 1.11 -14.29
O46 EBS I . 7.76 1.60 -12.88
O47 EBS I . 8.70 1.03 -10.84
O48 EBS I . 21.65 -6.94 -14.25
O49 EBS I . 23.65 -6.02 -14.74
#